data_5DL6
#
_entry.id   5DL6
#
_cell.length_a   150.169
_cell.length_b   150.169
_cell.length_c   105.224
_cell.angle_alpha   90.00
_cell.angle_beta   90.00
_cell.angle_gamma   120.00
#
_symmetry.space_group_name_H-M   'P 6 2 2'
#
_entity_poly.entity_id   1
_entity_poly.type   'polypeptide(L)'
_entity_poly.pdbx_seq_one_letter_code
;ANVRLQHHHHHHHLEGSFIDNSSVELTTRNFYFDRDYQEQSAYPAAKDWTQGFILKANSGYTEGTIGFGLDVLATAGFKL
DADAEHGGTGNLPRDTRTNEPADSYGEIGVTAKAKMSQTELRIGTLMPMNPVLVASPARLLPQTYRGISLTSKDIKDFDL
QAAYLDKVNHRDSTNYEKIKISGVNGRFKGAETDGLYYLGGNYQFNPALKLTAFYMDVDDLYNQTMVGALHQYKINDTTN
FSSQLRYYRSRDDGQAKAGLVDNDLYHAHFELKHQNHKFIFGTFQHHGDTAFPYLTGGETGLLIDTWPGEFLNPKEKAYS
FRYEYDFKEYVPGLCFMTRYTTGHNIYAPNLGGTNLKERETDFDLGYTVQSGWLKNLGLRARYAIYDNNMLSTANIKPVN
ETRINIDYTWKFK
;
_entity_poly.pdbx_strand_id   A
#
# COMPACT_ATOMS: atom_id res chain seq x y z
N GLU A 15 -7.42 31.60 21.60
CA GLU A 15 -7.00 30.22 21.24
C GLU A 15 -7.20 30.10 19.71
N GLY A 16 -6.18 30.52 18.97
CA GLY A 16 -6.29 30.87 17.56
C GLY A 16 -5.73 29.80 16.65
N SER A 17 -4.41 29.69 16.55
CA SER A 17 -3.72 28.70 15.66
C SER A 17 -4.37 27.31 15.56
N PHE A 18 -4.45 26.61 16.68
CA PHE A 18 -5.18 25.35 16.76
C PHE A 18 -6.34 25.33 15.83
N ILE A 19 -7.17 26.36 15.88
CA ILE A 19 -8.44 26.36 15.13
C ILE A 19 -8.42 27.25 13.86
N ASP A 20 -7.61 28.30 13.86
CA ASP A 20 -7.49 29.18 12.69
C ASP A 20 -6.83 28.36 11.60
N ASN A 21 -5.80 27.60 11.95
CA ASN A 21 -5.12 26.72 10.97
C ASN A 21 -5.66 25.29 10.76
N SER A 22 -6.75 24.89 11.42
CA SER A 22 -7.28 23.54 11.23
C SER A 22 -7.70 23.31 9.77
N SER A 23 -7.52 22.10 9.25
CA SER A 23 -8.07 21.69 7.95
C SER A 23 -9.25 20.76 8.15
N VAL A 24 -10.24 20.80 7.27
CA VAL A 24 -11.35 19.83 7.40
C VAL A 24 -11.87 19.32 6.06
N GLU A 25 -11.50 18.09 5.67
CA GLU A 25 -11.85 17.52 4.32
C GLU A 25 -12.68 16.24 4.44
N LEU A 26 -13.62 16.06 3.50
CA LEU A 26 -14.56 14.91 3.49
C LEU A 26 -14.65 14.34 2.10
N THR A 27 -13.98 13.21 1.91
CA THR A 27 -14.08 12.46 0.68
C THR A 27 -15.28 11.55 0.70
N THR A 28 -15.89 11.46 -0.46
CA THR A 28 -17.04 10.61 -0.72
C THR A 28 -16.67 9.66 -1.89
N ARG A 29 -16.61 8.36 -1.65
CA ARG A 29 -16.31 7.40 -2.73
C ARG A 29 -17.40 6.44 -3.01
N ASN A 30 -17.63 6.23 -4.28
CA ASN A 30 -18.51 5.20 -4.80
C ASN A 30 -17.66 4.17 -5.56
N PHE A 31 -17.70 2.90 -5.13
CA PHE A 31 -16.69 1.93 -5.50
C PHE A 31 -17.31 0.58 -5.94
N TYR A 32 -16.94 0.08 -7.12
CA TYR A 32 -17.39 -1.19 -7.65
C TYR A 32 -16.20 -2.12 -7.76
N PHE A 33 -16.26 -3.28 -7.09
CA PHE A 33 -15.19 -4.26 -7.09
C PHE A 33 -15.76 -5.64 -7.54
N ASP A 34 -15.18 -6.26 -8.59
CA ASP A 34 -15.61 -7.62 -9.05
C ASP A 34 -14.39 -8.49 -9.39
N ARG A 35 -14.14 -9.53 -8.61
CA ARG A 35 -13.12 -10.60 -8.94
C ARG A 35 -13.71 -11.92 -9.47
N ASP A 36 -13.73 -12.08 -10.80
CA ASP A 36 -14.42 -13.19 -11.47
C ASP A 36 -13.39 -14.31 -11.84
N TYR A 37 -13.67 -15.56 -11.48
CA TYR A 37 -12.88 -16.76 -11.92
C TYR A 37 -13.74 -17.59 -12.93
N GLN A 38 -13.27 -18.76 -13.35
CA GLN A 38 -14.10 -19.65 -14.21
C GLN A 38 -13.88 -21.11 -13.87
N TYR A 43 -15.08 -21.71 -5.15
CA TYR A 43 -14.97 -20.24 -5.05
C TYR A 43 -15.86 -19.66 -6.16
N PRO A 44 -16.82 -18.78 -5.78
CA PRO A 44 -17.55 -17.92 -6.74
C PRO A 44 -16.94 -16.50 -6.83
N ALA A 45 -17.54 -15.60 -7.63
CA ALA A 45 -17.10 -14.19 -7.69
C ALA A 45 -17.01 -13.61 -6.29
N ALA A 46 -16.02 -12.76 -6.05
CA ALA A 46 -16.04 -11.87 -4.88
C ALA A 46 -16.29 -10.48 -5.47
N LYS A 47 -17.46 -9.91 -5.19
CA LYS A 47 -18.05 -8.81 -5.96
C LYS A 47 -18.97 -7.97 -5.03
N ASP A 48 -18.86 -6.63 -5.09
CA ASP A 48 -19.77 -5.73 -4.34
C ASP A 48 -19.83 -4.31 -4.99
N TRP A 49 -20.86 -3.56 -4.63
CA TRP A 49 -20.94 -2.14 -4.91
C TRP A 49 -21.28 -1.45 -3.60
N THR A 50 -20.47 -0.44 -3.27
CA THR A 50 -20.38 0.15 -1.92
C THR A 50 -20.25 1.64 -2.04
N GLN A 51 -20.68 2.37 -1.00
CA GLN A 51 -20.41 3.84 -0.86
C GLN A 51 -19.62 4.18 0.41
N GLY A 52 -18.67 5.10 0.31
CA GLY A 52 -17.77 5.40 1.44
C GLY A 52 -17.83 6.87 1.80
N PHE A 53 -17.33 7.18 3.02
CA PHE A 53 -17.18 8.56 3.58
C PHE A 53 -16.00 8.67 4.49
N ILE A 54 -15.04 9.54 4.16
CA ILE A 54 -13.78 9.63 4.91
C ILE A 54 -13.63 11.05 5.37
N LEU A 55 -13.52 11.25 6.67
CA LEU A 55 -13.44 12.61 7.23
C LEU A 55 -12.12 12.81 7.97
N LYS A 56 -11.31 13.77 7.51
CA LYS A 56 -10.04 14.11 8.16
C LYS A 56 -10.14 15.50 8.77
N ALA A 57 -9.97 15.61 10.07
CA ALA A 57 -9.82 16.90 10.70
C ALA A 57 -8.49 16.92 11.45
N ASN A 58 -7.55 17.66 10.89
CA ASN A 58 -6.26 17.93 11.56
C ASN A 58 -6.17 19.40 12.04
N SER A 59 -6.31 19.63 13.35
CA SER A 59 -6.17 20.96 13.98
C SER A 59 -4.84 21.54 13.67
N GLY A 60 -4.73 22.86 13.74
CA GLY A 60 -3.45 23.50 13.68
C GLY A 60 -2.67 23.18 14.92
N TYR A 61 -1.58 23.91 15.13
CA TYR A 61 -0.67 23.70 16.28
C TYR A 61 -0.77 24.80 17.30
N THR A 62 -0.80 24.49 18.58
CA THR A 62 -0.76 25.55 19.60
C THR A 62 0.54 26.38 19.57
N GLU A 63 0.37 27.68 19.84
CA GLU A 63 1.48 28.64 19.81
C GLU A 63 2.35 28.21 20.95
N GLY A 64 3.66 28.34 20.79
CA GLY A 64 4.62 27.97 21.86
C GLY A 64 5.86 27.36 21.27
N THR A 65 6.92 27.19 22.09
CA THR A 65 8.14 26.47 21.67
C THR A 65 7.80 25.08 21.22
N ILE A 66 6.97 24.39 22.01
CA ILE A 66 6.38 23.16 21.54
C ILE A 66 4.95 23.47 21.10
N GLY A 67 4.50 22.77 20.07
CA GLY A 67 3.19 22.98 19.51
C GLY A 67 2.40 21.70 19.61
N PHE A 68 1.14 21.84 19.99
CA PHE A 68 0.26 20.70 20.24
C PHE A 68 -1.00 20.69 19.37
N GLY A 69 -1.46 19.50 19.02
CA GLY A 69 -2.56 19.41 18.06
C GLY A 69 -3.34 18.16 18.24
N LEU A 70 -4.42 18.06 17.46
CA LEU A 70 -5.27 16.88 17.49
C LEU A 70 -5.81 16.52 16.11
N ASP A 71 -5.46 15.33 15.63
CA ASP A 71 -5.98 14.78 14.36
C ASP A 71 -7.13 13.81 14.61
N VAL A 72 -8.07 13.81 13.69
CA VAL A 72 -9.29 13.02 13.77
C VAL A 72 -9.57 12.36 12.40
N LEU A 73 -9.80 11.02 12.43
CA LEU A 73 -10.24 10.24 11.25
C LEU A 73 -11.58 9.63 11.55
N ALA A 74 -12.56 9.92 10.72
CA ALA A 74 -13.92 9.41 10.93
C ALA A 74 -14.35 8.77 9.63
N THR A 75 -14.90 7.58 9.70
CA THR A 75 -14.96 6.73 8.53
C THR A 75 -16.16 5.81 8.54
N ALA A 76 -16.81 5.68 7.41
CA ALA A 76 -18.03 4.97 7.36
C ALA A 76 -18.31 4.39 6.02
N GLY A 77 -18.61 3.10 5.97
CA GLY A 77 -19.02 2.41 4.72
C GLY A 77 -20.47 1.93 4.71
N PHE A 78 -21.13 1.91 3.55
CA PHE A 78 -22.52 1.41 3.40
C PHE A 78 -22.67 0.45 2.22
N LYS A 79 -23.43 -0.63 2.43
CA LYS A 79 -23.82 -1.52 1.31
C LYS A 79 -24.82 -0.87 0.31
N LEU A 80 -24.62 -1.15 -0.97
CA LEU A 80 -25.54 -0.81 -2.02
C LEU A 80 -26.07 -2.04 -2.78
N ASP A 81 -25.19 -2.97 -3.14
CA ASP A 81 -25.60 -4.28 -3.66
C ASP A 81 -24.51 -5.34 -3.32
N ALA A 82 -24.86 -6.38 -2.57
CA ALA A 82 -23.82 -7.27 -2.03
C ALA A 82 -24.37 -8.57 -1.45
N ASP A 83 -24.45 -9.51 -2.37
CA ASP A 83 -24.81 -10.85 -2.06
C ASP A 83 -23.72 -11.50 -1.19
N ALA A 84 -24.21 -12.33 -0.26
CA ALA A 84 -23.43 -12.94 0.79
C ALA A 84 -22.56 -14.00 0.24
N GLU A 85 -22.93 -14.53 -0.90
CA GLU A 85 -22.22 -15.63 -1.56
C GLU A 85 -21.00 -15.09 -2.31
N HIS A 86 -20.83 -13.76 -2.35
CA HIS A 86 -19.73 -13.09 -3.06
C HIS A 86 -18.95 -12.21 -2.10
N GLY A 87 -18.89 -12.67 -0.85
CA GLY A 87 -18.44 -11.88 0.26
C GLY A 87 -16.95 -11.78 0.17
N GLY A 88 -16.37 -11.10 1.14
CA GLY A 88 -14.92 -10.99 1.33
C GLY A 88 -14.06 -10.32 0.26
N THR A 89 -14.59 -9.37 -0.51
CA THR A 89 -13.74 -8.32 -1.13
C THR A 89 -13.23 -7.60 0.09
N GLY A 90 -12.32 -6.67 0.02
CA GLY A 90 -12.05 -5.93 1.31
C GLY A 90 -12.99 -4.73 1.70
N ASN A 91 -14.13 -4.55 1.03
CA ASN A 91 -14.91 -3.32 1.18
C ASN A 91 -15.96 -3.34 2.32
N LEU A 92 -16.53 -4.52 2.62
CA LEU A 92 -17.47 -4.63 3.74
C LEU A 92 -17.01 -5.71 4.70
N PRO A 93 -17.17 -5.49 6.01
CA PRO A 93 -16.91 -6.65 6.89
C PRO A 93 -18.00 -7.69 6.74
N ARG A 94 -17.81 -8.85 7.33
CA ARG A 94 -18.90 -9.82 7.35
C ARG A 94 -19.01 -10.56 8.65
N ASP A 95 -20.28 -10.75 9.06
CA ASP A 95 -20.69 -11.38 10.34
C ASP A 95 -20.00 -12.70 10.45
N THR A 96 -19.30 -12.95 11.54
CA THR A 96 -18.62 -14.25 11.67
C THR A 96 -19.57 -15.44 12.11
N ARG A 97 -20.86 -15.17 12.32
CA ARG A 97 -21.84 -16.24 12.56
C ARG A 97 -22.53 -16.62 11.25
N THR A 98 -23.03 -15.58 10.56
CA THR A 98 -23.83 -15.74 9.35
C THR A 98 -23.08 -15.49 8.04
N ASN A 99 -21.95 -14.82 8.05
CA ASN A 99 -21.32 -14.42 6.78
C ASN A 99 -22.06 -13.29 5.94
N GLU A 100 -23.22 -12.70 6.37
CA GLU A 100 -23.80 -11.56 5.62
C GLU A 100 -22.69 -10.51 5.66
N PRO A 101 -22.47 -9.78 4.54
CA PRO A 101 -21.60 -8.64 4.56
C PRO A 101 -22.40 -7.48 5.13
N ALA A 102 -21.81 -6.61 5.97
CA ALA A 102 -22.64 -5.68 6.75
C ALA A 102 -23.44 -4.66 5.94
N ASP A 103 -24.63 -4.28 6.43
CA ASP A 103 -25.46 -3.21 5.84
C ASP A 103 -24.67 -1.89 5.88
N SER A 104 -23.88 -1.71 6.95
CA SER A 104 -23.09 -0.52 7.20
C SER A 104 -22.12 -0.64 8.38
N TYR A 105 -21.09 0.21 8.42
CA TYR A 105 -20.04 0.20 9.47
C TYR A 105 -19.12 1.49 9.61
N GLY A 106 -18.54 1.77 10.79
CA GLY A 106 -17.63 2.93 11.00
C GLY A 106 -16.68 3.04 12.23
N GLU A 107 -15.42 3.37 11.95
CA GLU A 107 -14.34 3.46 12.93
C GLU A 107 -14.43 5.00 13.30
N ILE A 108 -14.10 5.44 14.52
CA ILE A 108 -13.56 6.81 14.75
C ILE A 108 -12.17 6.75 15.41
N GLY A 109 -11.13 7.21 14.72
CA GLY A 109 -9.75 7.18 15.28
C GLY A 109 -9.29 8.57 15.70
N VAL A 110 -8.24 8.66 16.50
CA VAL A 110 -7.78 9.95 17.00
C VAL A 110 -6.31 9.92 17.19
N THR A 111 -5.60 10.96 16.75
CA THR A 111 -4.14 11.04 16.95
C THR A 111 -3.73 12.35 17.65
N ALA A 112 -2.89 12.26 18.66
CA ALA A 112 -2.27 13.43 19.25
C ALA A 112 -0.99 13.79 18.51
N LYS A 113 -0.63 15.07 18.43
CA LYS A 113 0.69 15.55 17.86
C LYS A 113 1.49 16.49 18.79
N ALA A 114 2.82 16.35 18.82
CA ALA A 114 3.71 17.40 19.35
C ALA A 114 4.82 17.70 18.37
N LYS A 115 5.25 18.96 18.26
CA LYS A 115 6.33 19.34 17.30
C LYS A 115 7.10 20.62 17.67
N MET A 116 8.44 20.54 17.69
CA MET A 116 9.34 21.65 17.64
C MET A 116 10.10 21.52 16.34
N SER A 117 10.33 22.66 15.66
CA SER A 117 11.12 22.80 14.43
C SER A 117 10.52 21.94 13.27
N GLN A 118 11.24 20.96 12.68
CA GLN A 118 10.63 20.06 11.71
C GLN A 118 10.78 18.61 12.16
N THR A 119 10.46 18.41 13.43
CA THR A 119 10.60 17.15 14.11
C THR A 119 9.31 16.94 14.86
N GLU A 120 8.49 15.95 14.46
CA GLU A 120 7.23 15.71 15.19
C GLU A 120 7.02 14.30 15.72
N LEU A 121 6.12 14.23 16.71
CA LEU A 121 5.89 13.05 17.56
C LEU A 121 4.42 12.83 17.65
N ARG A 122 3.95 11.61 17.34
CA ARG A 122 2.50 11.33 17.21
C ARG A 122 2.12 10.07 17.96
N ILE A 123 0.87 10.00 18.41
CA ILE A 123 0.40 8.92 19.25
C ILE A 123 -1.05 8.68 18.98
N GLY A 124 -1.44 7.44 18.66
CA GLY A 124 -2.84 7.13 18.24
C GLY A 124 -2.99 6.51 16.84
N THR A 125 -3.93 6.97 16.04
CA THR A 125 -4.10 6.38 14.72
C THR A 125 -2.92 6.78 13.83
N LEU A 126 -2.34 5.84 13.09
CA LEU A 126 -1.20 6.10 12.21
C LEU A 126 -1.28 5.36 10.89
N MET A 127 -0.55 5.86 9.90
CA MET A 127 -0.68 5.45 8.51
C MET A 127 0.67 5.42 7.86
N PRO A 128 1.54 4.48 8.26
CA PRO A 128 2.91 4.44 7.81
C PRO A 128 3.05 4.13 6.34
N MET A 129 4.07 4.64 5.70
CA MET A 129 4.14 4.59 4.27
C MET A 129 5.55 4.83 3.88
N ASN A 130 6.33 3.74 3.91
CA ASN A 130 7.73 3.77 3.65
C ASN A 130 8.10 2.48 2.95
N PRO A 131 9.38 2.25 2.72
CA PRO A 131 9.65 1.11 1.88
C PRO A 131 9.45 -0.25 2.56
N VAL A 132 9.29 -0.29 3.87
CA VAL A 132 8.96 -1.59 4.52
C VAL A 132 7.48 -1.82 4.88
N LEU A 133 6.66 -0.77 4.97
CA LEU A 133 5.35 -0.88 5.59
C LEU A 133 4.39 0.21 5.05
N VAL A 134 3.16 -0.19 4.74
CA VAL A 134 2.14 0.63 4.11
C VAL A 134 0.75 0.29 4.68
N ALA A 135 0.14 1.26 5.38
CA ALA A 135 -1.25 1.16 5.76
C ALA A 135 -1.99 1.15 4.40
N SER A 136 -3.03 0.32 4.21
CA SER A 136 -3.53 0.07 2.87
C SER A 136 -4.64 0.98 2.36
N PRO A 137 -4.31 1.73 1.29
CA PRO A 137 -5.34 2.52 0.62
C PRO A 137 -6.27 1.74 -0.30
N ALA A 138 -6.00 0.47 -0.56
CA ALA A 138 -6.49 -0.20 -1.75
C ALA A 138 -7.95 -0.60 -1.72
N ARG A 139 -8.61 -0.52 -0.55
CA ARG A 139 -10.05 -0.78 -0.48
C ARG A 139 -10.73 0.48 0.01
N LEU A 140 -12.07 0.43 0.01
CA LEU A 140 -12.89 1.62 0.24
C LEU A 140 -12.29 2.49 1.31
N LEU A 141 -11.93 1.87 2.43
CA LEU A 141 -11.37 2.57 3.58
C LEU A 141 -9.95 2.15 3.95
N PRO A 142 -9.20 3.07 4.55
CA PRO A 142 -7.81 2.76 4.82
C PRO A 142 -7.66 1.77 5.98
N GLN A 143 -6.62 0.98 5.94
CA GLN A 143 -6.18 0.34 7.16
C GLN A 143 -5.26 1.34 7.92
N THR A 144 -5.27 1.24 9.24
CA THR A 144 -4.57 2.15 10.12
C THR A 144 -3.83 1.22 11.07
N TYR A 145 -2.73 1.69 11.63
CA TYR A 145 -2.22 1.12 12.86
C TYR A 145 -2.45 2.11 14.00
N ARG A 146 -2.10 1.68 15.22
CA ARG A 146 -1.93 2.59 16.37
C ARG A 146 -0.61 2.38 17.05
N GLY A 147 -0.09 3.45 17.61
CA GLY A 147 1.30 3.45 18.05
C GLY A 147 1.88 4.82 18.25
N ILE A 148 3.22 4.84 18.34
CA ILE A 148 3.98 6.07 18.42
C ILE A 148 4.91 6.18 17.25
N SER A 149 4.85 7.31 16.53
CA SER A 149 5.93 7.69 15.61
C SER A 149 6.74 8.84 16.17
N LEU A 150 7.94 8.98 15.62
CA LEU A 150 8.74 10.22 15.66
C LEU A 150 9.26 10.48 14.23
N THR A 151 9.25 11.72 13.73
CA THR A 151 9.78 11.99 12.35
C THR A 151 10.62 13.28 12.34
N SER A 152 11.70 13.37 11.54
CA SER A 152 12.47 14.62 11.50
C SER A 152 13.39 14.91 10.31
N LYS A 153 13.28 16.16 9.84
CA LYS A 153 14.03 16.74 8.72
C LYS A 153 15.09 17.77 9.20
N ASP A 154 15.24 17.91 10.54
CA ASP A 154 16.09 18.93 11.18
C ASP A 154 17.60 18.70 11.09
N ILE A 155 18.00 17.46 10.98
CA ILE A 155 19.37 17.14 10.68
C ILE A 155 19.50 17.30 9.18
N LYS A 156 20.45 18.16 8.77
CA LYS A 156 20.66 18.55 7.35
C LYS A 156 20.87 17.39 6.34
N ASP A 157 20.01 17.34 5.31
CA ASP A 157 19.98 16.33 4.21
C ASP A 157 19.29 14.95 4.57
N PHE A 158 18.95 14.77 5.84
CA PHE A 158 18.39 13.53 6.32
C PHE A 158 16.92 13.81 6.58
N ASP A 159 16.13 13.02 5.89
CA ASP A 159 14.71 12.85 6.12
C ASP A 159 14.46 11.47 6.81
N LEU A 160 14.08 11.50 8.09
CA LEU A 160 14.02 10.31 8.97
C LEU A 160 12.61 10.00 9.45
N GLN A 161 12.36 8.74 9.81
CA GLN A 161 11.11 8.28 10.51
C GLN A 161 11.38 7.05 11.37
N ALA A 162 10.76 6.96 12.52
CA ALA A 162 10.74 5.74 13.32
C ALA A 162 9.31 5.50 13.79
N ALA A 163 8.97 4.29 14.15
CA ALA A 163 7.69 4.06 14.83
C ALA A 163 7.68 2.76 15.66
N TYR A 164 6.92 2.73 16.77
CA TYR A 164 6.55 1.49 17.43
C TYR A 164 5.05 1.25 17.34
N LEU A 165 4.66 0.15 16.73
CA LEU A 165 3.21 -0.11 16.43
C LEU A 165 2.78 -1.41 17.13
N ASP A 166 1.63 -1.43 17.75
CA ASP A 166 1.21 -2.60 18.51
C ASP A 166 -0.18 -3.21 18.14
N LYS A 167 -1.08 -2.39 17.64
CA LYS A 167 -2.30 -2.87 17.08
C LYS A 167 -2.46 -2.35 15.65
N VAL A 168 -3.41 -3.00 14.96
CA VAL A 168 -3.78 -2.75 13.56
C VAL A 168 -5.31 -2.70 13.54
N ASN A 169 -5.90 -1.78 12.73
CA ASN A 169 -7.33 -1.80 12.38
C ASN A 169 -7.40 -1.98 10.88
N HIS A 170 -8.05 -3.05 10.47
CA HIS A 170 -8.24 -3.32 9.10
C HIS A 170 -9.27 -2.37 8.44
N ARG A 171 -9.11 -2.37 7.12
CA ARG A 171 -9.95 -1.69 6.15
C ARG A 171 -11.37 -2.21 6.07
N ASP A 172 -11.53 -3.48 6.44
CA ASP A 172 -12.85 -4.14 6.47
C ASP A 172 -13.17 -4.60 7.89
N SER A 173 -12.70 -3.83 8.89
CA SER A 173 -13.04 -4.03 10.28
C SER A 173 -13.20 -2.71 10.98
N THR A 174 -13.68 -2.87 12.21
CA THR A 174 -14.01 -1.80 13.11
C THR A 174 -13.14 -1.68 14.33
N ASN A 175 -12.21 -2.62 14.54
CA ASN A 175 -11.51 -2.65 15.79
C ASN A 175 -9.99 -2.88 15.70
N TYR A 176 -9.32 -2.50 16.78
CA TYR A 176 -7.88 -2.64 16.88
C TYR A 176 -7.56 -4.07 17.33
N GLU A 177 -6.89 -4.87 16.49
CA GLU A 177 -6.54 -6.31 16.72
C GLU A 177 -5.04 -6.38 16.84
N LYS A 178 -4.50 -7.54 17.09
CA LYS A 178 -3.09 -7.69 17.06
C LYS A 178 -2.59 -7.95 15.65
N ILE A 179 -1.39 -7.47 15.39
CA ILE A 179 -0.79 -7.61 14.08
C ILE A 179 -0.48 -9.07 13.84
N LYS A 180 -0.64 -9.50 12.59
CA LYS A 180 -0.24 -10.86 12.20
C LYS A 180 0.16 -11.06 10.75
N ILE A 181 0.81 -12.19 10.55
CA ILE A 181 1.52 -12.45 9.34
C ILE A 181 0.70 -13.36 8.44
N SER A 182 0.85 -13.10 7.17
CA SER A 182 0.08 -13.79 6.21
C SER A 182 0.64 -15.20 5.95
N GLY A 183 -0.25 -16.20 6.09
CA GLY A 183 0.01 -17.52 5.56
C GLY A 183 -0.44 -17.80 4.14
N VAL A 184 -0.64 -16.80 3.25
CA VAL A 184 -0.98 -17.10 1.82
C VAL A 184 -0.19 -18.27 1.19
N ASN A 185 -0.83 -18.97 0.29
CA ASN A 185 -0.21 -20.08 -0.41
C ASN A 185 0.51 -21.14 0.46
N GLY A 186 0.37 -21.07 1.79
CA GLY A 186 1.07 -21.96 2.71
C GLY A 186 2.53 -21.56 2.94
N ARG A 187 2.89 -20.38 2.48
CA ARG A 187 4.26 -19.94 2.57
C ARG A 187 4.74 -19.83 4.00
N PHE A 188 3.87 -19.46 4.92
CA PHE A 188 4.32 -19.35 6.31
C PHE A 188 3.18 -19.70 7.21
N LYS A 189 3.42 -20.25 8.39
CA LYS A 189 2.32 -20.33 9.33
C LYS A 189 1.95 -18.93 9.80
N GLY A 190 0.69 -18.57 9.56
CA GLY A 190 0.12 -17.36 10.06
C GLY A 190 0.16 -17.44 11.55
N ALA A 191 0.32 -16.30 12.20
CA ALA A 191 0.56 -16.24 13.63
C ALA A 191 0.70 -14.78 13.98
N GLU A 192 0.40 -14.43 15.22
CA GLU A 192 0.26 -13.05 15.65
C GLU A 192 1.37 -12.57 16.56
N THR A 193 1.66 -11.28 16.51
CA THR A 193 2.66 -10.69 17.40
C THR A 193 2.09 -9.73 18.42
N ASP A 194 2.96 -9.35 19.35
CA ASP A 194 2.73 -8.33 20.37
C ASP A 194 2.99 -6.93 19.83
N GLY A 195 3.97 -6.78 18.94
CA GLY A 195 4.04 -5.52 18.18
C GLY A 195 5.24 -5.44 17.26
N LEU A 196 5.38 -4.34 16.53
CA LEU A 196 6.56 -4.16 15.67
C LEU A 196 7.11 -2.73 15.72
N TYR A 197 8.41 -2.57 15.51
CA TYR A 197 8.95 -1.23 15.16
C TYR A 197 9.62 -1.15 13.79
N TYR A 198 9.61 0.02 13.16
CA TYR A 198 10.60 0.29 12.09
C TYR A 198 11.51 1.44 12.45
N LEU A 199 12.48 1.68 11.59
CA LEU A 199 13.19 2.95 11.52
C LEU A 199 14.14 3.01 10.31
N GLY A 200 14.36 4.24 9.87
CA GLY A 200 15.17 4.56 8.72
C GLY A 200 14.84 5.95 8.20
N GLY A 201 14.99 6.11 6.89
CA GLY A 201 14.61 7.33 6.16
C GLY A 201 15.55 7.45 5.01
N ASN A 202 15.91 8.66 4.64
CA ASN A 202 16.98 8.74 3.66
C ASN A 202 17.86 9.96 3.72
N TYR A 203 18.98 9.82 3.00
CA TYR A 203 20.02 10.81 2.88
C TYR A 203 20.00 11.32 1.48
N GLN A 204 20.13 12.63 1.34
CA GLN A 204 20.48 13.23 0.07
C GLN A 204 22.02 13.35 -0.05
N PHE A 205 22.62 12.51 -0.90
CA PHE A 205 24.08 12.46 -1.05
C PHE A 205 24.60 13.69 -1.80
N ASN A 206 24.12 13.83 -3.04
CA ASN A 206 24.43 14.96 -3.92
C ASN A 206 23.21 15.09 -4.85
N PRO A 207 23.03 16.22 -5.55
CA PRO A 207 21.71 16.53 -6.16
C PRO A 207 21.09 15.45 -7.08
N ALA A 208 21.93 14.70 -7.79
CA ALA A 208 21.49 13.57 -8.64
C ALA A 208 21.11 12.33 -7.84
N LEU A 209 21.90 11.97 -6.84
CA LEU A 209 21.77 10.70 -6.10
C LEU A 209 21.12 10.80 -4.70
N LYS A 210 20.33 9.79 -4.33
CA LYS A 210 19.64 9.74 -3.02
C LYS A 210 19.57 8.29 -2.55
N LEU A 211 19.94 8.04 -1.29
CA LEU A 211 20.16 6.68 -0.74
C LEU A 211 19.29 6.41 0.43
N THR A 212 18.71 5.22 0.51
CA THR A 212 17.72 4.92 1.55
C THR A 212 18.12 3.68 2.39
N ALA A 213 17.66 3.66 3.65
CA ALA A 213 17.96 2.56 4.56
C ALA A 213 16.85 2.38 5.57
N PHE A 214 16.30 1.17 5.69
CA PHE A 214 15.32 0.86 6.74
C PHE A 214 15.59 -0.43 7.52
N TYR A 215 15.00 -0.52 8.71
CA TYR A 215 15.01 -1.78 9.46
C TYR A 215 13.70 -1.91 10.22
N MET A 216 12.99 -3.03 10.04
CA MET A 216 11.71 -3.33 10.73
C MET A 216 11.78 -4.69 11.50
N ASP A 217 11.62 -4.71 12.84
CA ASP A 217 11.72 -5.97 13.66
C ASP A 217 10.32 -6.24 14.14
N VAL A 218 9.71 -7.33 13.71
CA VAL A 218 8.37 -7.79 14.16
C VAL A 218 8.51 -9.01 15.18
N ASP A 219 8.07 -8.83 16.43
CA ASP A 219 8.59 -9.62 17.54
C ASP A 219 8.25 -11.07 17.36
N ASP A 220 9.26 -11.92 17.53
CA ASP A 220 9.11 -13.37 17.39
C ASP A 220 8.56 -13.86 16.04
N LEU A 221 8.83 -13.12 14.99
CA LEU A 221 8.19 -13.40 13.72
C LEU A 221 9.20 -13.21 12.63
N TYR A 222 9.62 -11.96 12.36
CA TYR A 222 10.68 -11.68 11.38
C TYR A 222 11.36 -10.34 11.53
N ASN A 223 12.61 -10.20 11.16
CA ASN A 223 13.15 -8.84 10.97
C ASN A 223 13.52 -8.62 9.52
N GLN A 224 13.77 -7.39 9.15
CA GLN A 224 14.04 -7.09 7.75
C GLN A 224 15.06 -5.92 7.60
N THR A 225 15.91 -6.01 6.58
CA THR A 225 16.84 -4.95 6.23
C THR A 225 16.49 -4.50 4.85
N MET A 226 16.29 -3.20 4.67
CA MET A 226 16.16 -2.67 3.32
C MET A 226 17.24 -1.64 3.06
N VAL A 227 17.94 -1.79 1.93
CA VAL A 227 18.84 -0.72 1.46
C VAL A 227 18.50 -0.31 0.05
N GLY A 228 18.88 0.90 -0.35
CA GLY A 228 18.56 1.33 -1.72
C GLY A 228 19.19 2.63 -2.18
N ALA A 229 19.06 2.89 -3.46
CA ALA A 229 19.56 4.11 -4.07
C ALA A 229 18.74 4.51 -5.27
N LEU A 230 18.23 5.75 -5.32
CA LEU A 230 17.61 6.33 -6.53
C LEU A 230 18.56 7.32 -7.22
N HIS A 231 18.64 7.30 -8.56
CA HIS A 231 19.54 8.20 -9.35
C HIS A 231 18.82 8.91 -10.53
N GLN A 232 18.91 10.24 -10.57
CA GLN A 232 18.27 11.10 -11.61
C GLN A 232 19.28 11.58 -12.67
N TYR A 233 18.83 11.63 -13.92
CA TYR A 233 19.69 12.04 -15.05
C TYR A 233 18.78 12.66 -16.13
N LYS A 234 18.90 13.96 -16.38
CA LYS A 234 18.04 14.64 -17.36
C LYS A 234 18.83 14.90 -18.63
N ILE A 235 18.13 14.97 -19.76
CA ILE A 235 18.78 15.28 -21.03
C ILE A 235 18.11 16.50 -21.75
N ASN A 236 16.79 16.51 -21.92
CA ASN A 236 16.11 17.64 -22.59
C ASN A 236 15.17 18.33 -21.59
N ASP A 237 14.24 19.18 -22.03
CA ASP A 237 13.17 19.65 -21.12
C ASP A 237 12.15 18.51 -21.06
N THR A 238 11.84 17.99 -22.25
CA THR A 238 10.92 16.89 -22.38
C THR A 238 11.46 15.53 -21.91
N THR A 239 12.78 15.35 -21.73
CA THR A 239 13.38 14.00 -21.73
C THR A 239 14.29 13.63 -20.54
N ASN A 240 13.86 12.58 -19.83
CA ASN A 240 14.19 12.30 -18.40
C ASN A 240 14.39 10.75 -18.09
N PHE A 241 15.25 10.38 -17.11
CA PHE A 241 15.64 8.94 -16.84
C PHE A 241 16.18 8.53 -15.45
N SER A 242 15.48 7.65 -14.73
CA SER A 242 15.97 7.23 -13.40
C SER A 242 16.15 5.72 -13.17
N SER A 243 17.00 5.48 -12.19
CA SER A 243 17.64 4.22 -11.89
C SER A 243 17.50 4.03 -10.38
N GLN A 244 16.83 2.93 -9.98
CA GLN A 244 16.62 2.60 -8.57
C GLN A 244 16.97 1.11 -8.36
N LEU A 245 17.87 0.89 -7.41
CA LEU A 245 18.42 -0.41 -7.18
C LEU A 245 18.22 -0.62 -5.68
N ARG A 246 17.38 -1.59 -5.29
CA ARG A 246 17.10 -1.95 -3.87
C ARG A 246 17.39 -3.40 -3.53
N TYR A 247 17.66 -3.68 -2.24
CA TYR A 247 18.01 -5.01 -1.66
C TYR A 247 17.34 -5.21 -0.30
N TYR A 248 16.69 -6.36 -0.13
CA TYR A 248 15.90 -6.65 1.07
C TYR A 248 16.23 -8.02 1.78
N ARG A 249 16.75 -7.99 2.99
CA ARG A 249 17.18 -9.17 3.72
C ARG A 249 16.24 -9.55 4.83
N SER A 250 15.30 -10.43 4.53
CA SER A 250 14.18 -10.84 5.43
C SER A 250 14.57 -12.13 6.24
N ARG A 251 14.33 -12.20 7.58
CA ARG A 251 14.79 -13.35 8.50
C ARG A 251 13.90 -13.82 9.79
N ASP A 252 14.42 -14.13 10.98
CA ASP A 252 13.54 -14.49 12.15
C ASP A 252 13.94 -13.64 13.42
N ASP A 253 13.07 -12.81 14.10
CA ASP A 253 13.38 -12.23 15.55
C ASP A 253 13.01 -13.55 16.41
N GLY A 254 13.66 -13.72 17.56
CA GLY A 254 13.53 -14.85 18.51
C GLY A 254 12.90 -16.17 18.18
N GLN A 255 11.75 -16.40 18.78
CA GLN A 255 11.10 -17.71 18.75
C GLN A 255 10.53 -18.15 17.40
N ALA A 256 10.47 -17.21 16.46
CA ALA A 256 10.09 -17.46 15.09
C ALA A 256 8.81 -18.28 14.94
N LYS A 257 7.78 -17.88 15.65
CA LYS A 257 6.47 -18.59 15.61
C LYS A 257 5.79 -18.78 14.22
N ALA A 258 6.44 -18.28 13.16
CA ALA A 258 5.96 -18.34 11.80
C ALA A 258 6.48 -19.61 11.02
N GLY A 259 7.63 -20.10 11.52
CA GLY A 259 8.54 -20.96 10.78
C GLY A 259 9.75 -20.25 10.23
N LEU A 260 10.46 -20.99 9.37
CA LEU A 260 11.58 -20.48 8.58
C LEU A 260 11.23 -19.25 7.73
N VAL A 261 11.97 -18.15 7.91
CA VAL A 261 12.02 -17.05 6.92
C VAL A 261 13.48 -16.78 6.45
N ASP A 262 13.70 -16.92 5.13
CA ASP A 262 15.06 -16.88 4.53
C ASP A 262 14.78 -16.41 3.11
N ASN A 263 14.77 -15.10 2.95
CA ASN A 263 14.58 -14.48 1.68
C ASN A 263 15.52 -13.29 1.50
N ASP A 264 16.08 -13.18 0.27
CA ASP A 264 16.90 -12.06 -0.21
C ASP A 264 16.23 -11.63 -1.50
N LEU A 265 15.81 -10.38 -1.54
CA LEU A 265 15.24 -9.84 -2.74
C LEU A 265 16.06 -8.69 -3.33
N TYR A 266 16.29 -8.74 -4.65
CA TYR A 266 16.91 -7.66 -5.43
C TYR A 266 15.89 -7.12 -6.42
N HIS A 267 15.57 -5.82 -6.33
CA HIS A 267 14.56 -5.15 -7.17
C HIS A 267 15.21 -3.97 -7.87
N ALA A 268 15.36 -4.06 -9.19
CA ALA A 268 15.77 -2.95 -10.05
C ALA A 268 14.60 -2.43 -10.85
N HIS A 269 14.54 -1.09 -10.99
CA HIS A 269 13.38 -0.40 -11.56
C HIS A 269 13.81 0.83 -12.35
N PHE A 270 13.72 0.82 -13.68
CA PHE A 270 14.15 1.99 -14.50
C PHE A 270 13.00 2.68 -15.17
N GLU A 271 13.17 3.97 -15.47
CA GLU A 271 12.12 4.82 -16.05
C GLU A 271 12.66 5.80 -17.10
N LEU A 272 12.12 5.75 -18.32
CA LEU A 272 12.40 6.80 -19.32
C LEU A 272 11.12 7.56 -19.63
N LYS A 273 11.11 8.87 -19.28
CA LYS A 273 10.03 9.80 -19.64
C LYS A 273 10.44 10.72 -20.75
N HIS A 274 9.65 10.74 -21.80
CA HIS A 274 9.90 11.63 -22.89
C HIS A 274 8.58 12.23 -23.35
N GLN A 275 8.47 13.57 -23.22
CA GLN A 275 7.28 14.40 -23.48
C GLN A 275 6.24 13.96 -22.47
N ASN A 276 5.08 13.52 -22.97
CA ASN A 276 4.03 12.97 -22.13
C ASN A 276 4.11 11.43 -21.86
N HIS A 277 5.01 10.72 -22.56
CA HIS A 277 5.13 9.24 -22.48
C HIS A 277 6.04 8.83 -21.30
N LYS A 278 5.74 7.75 -20.59
CA LYS A 278 6.75 7.04 -19.76
C LYS A 278 6.96 5.58 -20.22
N PHE A 279 8.12 5.03 -19.84
CA PHE A 279 8.52 3.67 -20.24
C PHE A 279 9.32 3.08 -19.12
N ILE A 280 8.79 2.02 -18.54
CA ILE A 280 9.26 1.53 -17.28
C ILE A 280 9.51 0.02 -17.31
N PHE A 281 10.70 -0.34 -16.84
CA PHE A 281 11.08 -1.72 -16.63
C PHE A 281 11.32 -1.99 -15.16
N GLY A 282 10.73 -3.06 -14.65
CA GLY A 282 11.09 -3.61 -13.33
C GLY A 282 11.60 -5.06 -13.36
N THR A 283 12.32 -5.48 -12.32
CA THR A 283 12.57 -6.89 -12.09
C THR A 283 12.62 -7.24 -10.60
N PHE A 284 12.03 -8.38 -10.19
CA PHE A 284 12.30 -8.93 -8.83
C PHE A 284 13.20 -10.12 -9.03
N GLN A 285 14.25 -10.26 -8.23
CA GLN A 285 15.02 -11.50 -8.17
C GLN A 285 15.11 -12.07 -6.73
N HIS A 286 14.38 -13.16 -6.47
CA HIS A 286 14.30 -13.79 -5.13
C HIS A 286 15.38 -14.85 -4.97
N HIS A 287 16.09 -14.83 -3.86
CA HIS A 287 17.02 -15.92 -3.50
C HIS A 287 16.86 -16.30 -2.05
N GLY A 288 17.06 -17.58 -1.75
CA GLY A 288 16.87 -18.19 -0.39
C GLY A 288 15.80 -19.29 -0.37
N ASP A 289 15.45 -19.82 0.80
CA ASP A 289 14.48 -20.92 0.90
C ASP A 289 13.01 -20.51 0.96
N THR A 290 12.65 -19.26 1.16
CA THR A 290 11.20 -18.91 1.30
C THR A 290 10.77 -17.65 0.55
N ALA A 291 9.47 -17.39 0.62
CA ALA A 291 8.87 -16.19 0.01
C ALA A 291 9.26 -15.00 0.83
N PHE A 292 8.78 -13.83 0.39
CA PHE A 292 9.05 -12.52 1.03
C PHE A 292 7.87 -12.23 1.93
N PRO A 293 8.09 -12.03 3.22
CA PRO A 293 6.92 -12.02 4.11
C PRO A 293 6.17 -10.68 4.17
N TYR A 294 4.91 -10.73 4.57
CA TYR A 294 4.13 -9.53 4.82
C TYR A 294 2.99 -9.76 5.75
N LEU A 295 2.39 -8.66 6.19
CA LEU A 295 1.25 -8.64 7.14
C LEU A 295 -0.16 -8.74 6.46
N THR A 296 -1.17 -9.19 7.18
CA THR A 296 -2.49 -9.38 6.56
C THR A 296 -3.22 -8.07 6.31
N GLY A 297 -4.45 -8.13 5.82
CA GLY A 297 -5.22 -6.94 5.40
C GLY A 297 -4.53 -5.82 4.65
N GLY A 298 -3.51 -6.19 3.85
CA GLY A 298 -2.85 -5.24 2.95
C GLY A 298 -1.83 -5.77 1.93
N GLU A 299 -0.98 -4.89 1.48
CA GLU A 299 0.00 -5.17 0.46
C GLU A 299 1.43 -4.83 1.04
N THR A 300 2.32 -4.34 0.21
CA THR A 300 3.75 -4.23 0.51
C THR A 300 4.26 -2.78 0.24
N GLY A 301 5.45 -2.45 0.79
CA GLY A 301 6.15 -1.20 0.51
C GLY A 301 7.08 -1.24 -0.69
N LEU A 302 6.88 -2.22 -1.56
CA LEU A 302 7.77 -2.48 -2.69
C LEU A 302 7.33 -1.77 -3.93
N LEU A 303 6.01 -1.67 -4.07
CA LEU A 303 5.34 -1.12 -5.22
C LEU A 303 4.14 -0.32 -4.68
N ILE A 304 3.79 0.80 -5.36
CA ILE A 304 2.76 1.76 -4.87
C ILE A 304 1.33 1.20 -5.17
N ASP A 305 1.14 0.51 -6.31
CA ASP A 305 0.22 -0.69 -6.39
C ASP A 305 0.73 -1.68 -7.50
N THR A 306 0.48 -2.98 -7.29
CA THR A 306 0.63 -4.11 -8.29
C THR A 306 -0.62 -5.09 -8.34
N TRP A 307 -1.65 -4.81 -7.50
CA TRP A 307 -3.04 -5.27 -7.68
C TRP A 307 -3.18 -6.79 -7.35
N PRO A 308 -3.97 -7.59 -8.13
CA PRO A 308 -4.25 -8.91 -7.54
C PRO A 308 -3.06 -9.86 -7.58
N GLY A 309 -2.21 -9.75 -8.60
CA GLY A 309 -0.99 -10.56 -8.70
C GLY A 309 0.20 -9.83 -8.09
N GLU A 310 1.01 -10.59 -7.35
CA GLU A 310 1.98 -9.99 -6.42
C GLU A 310 3.49 -10.43 -6.57
N PHE A 311 3.77 -11.65 -7.05
CA PHE A 311 5.10 -12.06 -7.53
C PHE A 311 6.18 -12.19 -6.47
N LEU A 312 5.78 -12.77 -5.34
CA LEU A 312 6.64 -12.91 -4.19
C LEU A 312 6.89 -14.37 -3.77
N ASN A 313 6.58 -15.32 -4.65
CA ASN A 313 6.76 -16.72 -4.33
C ASN A 313 8.23 -17.08 -4.13
N PRO A 314 8.52 -18.17 -3.40
CA PRO A 314 9.93 -18.39 -3.06
C PRO A 314 10.76 -18.70 -4.31
N LYS A 315 11.99 -18.16 -4.39
CA LYS A 315 12.91 -18.36 -5.59
C LYS A 315 12.48 -17.73 -6.95
N GLU A 316 11.38 -17.01 -6.94
CA GLU A 316 10.85 -16.48 -8.16
C GLU A 316 11.85 -15.42 -8.84
N LYS A 317 11.83 -15.38 -10.17
CA LYS A 317 12.51 -14.35 -10.95
C LYS A 317 11.40 -13.75 -11.79
N ALA A 318 11.10 -12.44 -11.65
CA ALA A 318 10.06 -11.76 -12.49
C ALA A 318 10.42 -10.39 -13.10
N TYR A 319 9.72 -10.12 -14.23
CA TYR A 319 10.03 -9.01 -15.15
C TYR A 319 8.77 -8.27 -15.50
N SER A 320 8.87 -6.93 -15.56
CA SER A 320 7.70 -6.06 -15.75
C SER A 320 7.91 -4.91 -16.71
N PHE A 321 6.96 -4.69 -17.61
CA PHE A 321 7.06 -3.62 -18.61
C PHE A 321 5.81 -2.76 -18.64
N ARG A 322 6.06 -1.46 -18.58
CA ARG A 322 5.03 -0.48 -18.42
C ARG A 322 5.11 0.74 -19.37
N TYR A 323 4.00 1.09 -19.99
CA TYR A 323 3.84 2.37 -20.66
C TYR A 323 2.90 3.25 -19.90
N GLU A 324 3.10 4.57 -19.99
CA GLU A 324 2.09 5.59 -19.51
C GLU A 324 1.95 6.76 -20.52
N TYR A 325 0.73 7.33 -20.61
CA TYR A 325 0.51 8.55 -21.35
C TYR A 325 -0.39 9.56 -20.68
N ASP A 326 0.23 10.63 -20.20
CA ASP A 326 -0.43 11.88 -19.76
C ASP A 326 -1.04 12.64 -20.98
N PHE A 327 -2.27 13.15 -20.84
CA PHE A 327 -3.04 13.71 -21.95
C PHE A 327 -3.24 15.21 -21.87
N LYS A 328 -2.36 15.96 -21.23
CA LYS A 328 -2.56 17.44 -21.12
C LYS A 328 -2.97 18.08 -22.46
N GLU A 329 -2.22 17.72 -23.50
CA GLU A 329 -2.39 18.22 -24.88
C GLU A 329 -3.84 18.25 -25.33
N TYR A 330 -4.48 17.10 -25.20
CA TYR A 330 -5.89 16.98 -25.49
C TYR A 330 -6.75 17.42 -24.26
N VAL A 331 -6.66 16.67 -23.15
CA VAL A 331 -7.52 16.84 -21.97
C VAL A 331 -6.72 16.98 -20.67
N PRO A 332 -6.68 18.19 -20.12
CA PRO A 332 -5.99 18.24 -18.84
C PRO A 332 -6.62 17.28 -17.83
N GLY A 333 -5.82 16.62 -17.02
CA GLY A 333 -6.33 15.63 -16.07
C GLY A 333 -6.43 14.17 -16.53
N LEU A 334 -6.88 13.92 -17.76
CA LEU A 334 -6.88 12.54 -18.28
C LEU A 334 -5.47 11.93 -18.25
N CYS A 335 -5.39 10.63 -18.00
CA CYS A 335 -4.11 9.94 -17.88
C CYS A 335 -4.30 8.40 -18.03
N PHE A 336 -3.45 7.74 -18.83
CA PHE A 336 -3.54 6.30 -19.19
C PHE A 336 -2.29 5.44 -18.85
N MET A 337 -2.51 4.13 -18.63
CA MET A 337 -1.47 3.11 -18.29
C MET A 337 -1.83 1.64 -18.70
N THR A 338 -0.78 0.89 -18.96
CA THR A 338 -0.89 -0.52 -19.26
C THR A 338 0.49 -1.20 -18.94
N ARG A 339 0.45 -2.47 -18.56
CA ARG A 339 1.63 -3.16 -18.02
C ARG A 339 1.59 -4.66 -18.31
N TYR A 340 2.71 -5.26 -18.69
CA TYR A 340 2.81 -6.75 -18.77
C TYR A 340 3.84 -7.26 -17.80
N THR A 341 3.45 -8.23 -17.00
CA THR A 341 4.29 -8.69 -15.88
C THR A 341 4.30 -10.23 -15.99
N THR A 342 5.49 -10.86 -16.03
CA THR A 342 5.70 -12.33 -16.18
C THR A 342 6.66 -12.85 -15.03
N GLY A 343 6.34 -13.96 -14.33
CA GLY A 343 7.28 -14.62 -13.32
C GLY A 343 7.63 -16.12 -13.51
N HIS A 344 8.74 -16.62 -12.91
CA HIS A 344 9.29 -17.98 -13.17
C HIS A 344 10.48 -18.52 -12.24
N ASN A 345 10.95 -19.76 -12.49
CA ASN A 345 11.65 -20.58 -11.45
C ASN A 345 10.95 -20.29 -10.05
N ILE A 346 9.61 -20.48 -10.02
CA ILE A 346 8.75 -20.46 -8.79
C ILE A 346 8.58 -21.82 -8.05
N TYR A 347 8.87 -21.82 -6.75
CA TYR A 347 9.10 -23.04 -5.97
C TYR A 347 8.02 -23.29 -4.93
N ALA A 348 7.07 -24.15 -5.27
CA ALA A 348 5.93 -24.42 -4.41
C ALA A 348 5.51 -25.86 -4.70
N PRO A 349 6.20 -26.78 -4.01
CA PRO A 349 5.98 -28.19 -4.28
C PRO A 349 4.62 -28.72 -3.75
N ASN A 350 4.20 -28.19 -2.57
CA ASN A 350 2.80 -28.26 -2.05
C ASN A 350 1.69 -27.88 -3.08
N LEU A 351 1.98 -26.91 -3.95
CA LEU A 351 1.03 -26.32 -4.93
C LEU A 351 1.32 -26.61 -6.40
N GLY A 352 2.02 -27.72 -6.67
CA GLY A 352 2.09 -28.33 -8.00
C GLY A 352 3.45 -28.37 -8.69
N GLY A 353 4.55 -28.01 -8.03
CA GLY A 353 5.87 -28.09 -8.70
C GLY A 353 6.99 -27.20 -8.17
N THR A 354 8.19 -27.39 -8.73
CA THR A 354 9.26 -26.38 -8.68
C THR A 354 9.10 -25.69 -10.03
N ASN A 355 9.89 -24.69 -10.36
CA ASN A 355 9.77 -24.10 -11.72
C ASN A 355 8.34 -23.77 -12.27
N LEU A 356 7.41 -23.31 -11.45
CA LEU A 356 6.10 -22.83 -11.96
C LEU A 356 6.19 -21.40 -12.52
N LYS A 357 5.05 -20.88 -13.02
CA LYS A 357 5.02 -19.53 -13.57
C LYS A 357 3.69 -18.72 -13.39
N GLU A 358 3.77 -17.39 -13.55
CA GLU A 358 2.69 -16.34 -13.40
C GLU A 358 2.68 -15.25 -14.53
N ARG A 359 1.50 -14.87 -15.00
CA ARG A 359 1.26 -13.84 -16.06
C ARG A 359 0.33 -12.75 -15.45
N GLU A 360 0.42 -11.51 -15.93
CA GLU A 360 -0.62 -10.45 -15.68
C GLU A 360 -0.53 -9.32 -16.74
N THR A 361 -1.71 -8.81 -17.09
CA THR A 361 -1.88 -7.72 -17.97
C THR A 361 -2.83 -6.75 -17.31
N ASP A 362 -2.29 -5.57 -16.97
CA ASP A 362 -2.99 -4.46 -16.35
C ASP A 362 -3.38 -3.32 -17.34
N PHE A 363 -4.60 -2.79 -17.24
CA PHE A 363 -5.03 -1.61 -17.98
C PHE A 363 -5.63 -0.63 -16.96
N ASP A 364 -5.34 0.65 -17.08
CA ASP A 364 -5.63 1.59 -16.01
C ASP A 364 -5.91 3.00 -16.51
N LEU A 365 -7.14 3.47 -16.40
CA LEU A 365 -7.48 4.83 -16.95
C LEU A 365 -8.02 5.87 -15.93
N GLY A 366 -7.16 6.84 -15.57
CA GLY A 366 -7.48 7.84 -14.53
C GLY A 366 -7.75 9.27 -14.99
N TYR A 367 -9.00 9.72 -14.85
CA TYR A 367 -9.36 11.15 -14.98
C TYR A 367 -9.59 11.91 -13.65
N THR A 368 -8.65 12.75 -13.29
CA THR A 368 -8.71 13.51 -12.02
C THR A 368 -8.70 15.03 -12.34
N VAL A 369 -9.65 15.79 -11.81
CA VAL A 369 -9.73 17.26 -11.96
C VAL A 369 -9.16 18.03 -10.74
N GLN A 370 -7.85 18.22 -10.80
CA GLN A 370 -7.17 19.37 -10.21
C GLN A 370 -7.38 20.53 -11.22
N SER A 371 -7.48 21.75 -10.70
CA SER A 371 -8.11 22.94 -11.37
C SER A 371 -9.64 23.00 -11.18
N GLY A 372 -10.24 24.15 -11.47
CA GLY A 372 -11.72 24.35 -11.53
C GLY A 372 -12.51 24.35 -10.22
N TRP A 373 -13.82 24.60 -10.32
CA TRP A 373 -14.73 24.45 -9.15
C TRP A 373 -14.97 22.98 -8.73
N LEU A 374 -14.64 21.99 -9.55
CA LEU A 374 -14.61 20.56 -9.13
C LEU A 374 -13.20 20.07 -8.77
N LYS A 375 -12.43 20.94 -8.12
CA LYS A 375 -11.13 20.55 -7.57
C LYS A 375 -11.36 19.25 -6.83
N ASN A 376 -10.58 18.21 -7.12
CA ASN A 376 -10.58 16.93 -6.36
C ASN A 376 -11.63 15.90 -6.72
N LEU A 377 -12.09 15.93 -7.97
CA LEU A 377 -13.11 14.99 -8.45
C LEU A 377 -12.45 13.86 -9.24
N GLY A 378 -12.60 12.59 -8.81
CA GLY A 378 -11.80 11.48 -9.39
C GLY A 378 -12.66 10.51 -10.18
N LEU A 379 -12.18 10.04 -11.34
CA LEU A 379 -12.90 8.98 -12.09
C LEU A 379 -11.91 7.99 -12.64
N ARG A 380 -12.08 6.70 -12.31
CA ARG A 380 -11.06 5.74 -12.66
C ARG A 380 -11.45 4.27 -12.97
N ALA A 381 -11.01 3.79 -14.14
CA ALA A 381 -11.11 2.36 -14.48
C ALA A 381 -9.80 1.70 -14.24
N ARG A 382 -9.83 0.51 -13.64
CA ARG A 382 -8.68 -0.43 -13.62
C ARG A 382 -9.15 -1.86 -13.93
N TYR A 383 -8.45 -2.57 -14.83
CA TYR A 383 -8.79 -3.92 -15.21
C TYR A 383 -7.55 -4.77 -15.11
N ALA A 384 -7.61 -5.95 -14.50
CA ALA A 384 -6.42 -6.86 -14.57
C ALA A 384 -6.71 -8.29 -15.02
N ILE A 385 -5.87 -8.79 -15.95
CA ILE A 385 -5.98 -10.20 -16.38
C ILE A 385 -4.83 -11.10 -15.86
N TYR A 386 -5.02 -11.78 -14.71
CA TYR A 386 -3.98 -12.61 -14.02
C TYR A 386 -4.14 -14.14 -14.14
N ASP A 387 -3.10 -14.85 -14.62
CA ASP A 387 -3.09 -16.32 -14.76
C ASP A 387 -1.86 -16.99 -14.11
N ASN A 388 -2.00 -18.29 -13.85
CA ASN A 388 -0.87 -19.13 -13.48
C ASN A 388 -1.01 -20.55 -14.00
N ASN A 389 -0.09 -21.43 -13.59
CA ASN A 389 -0.11 -22.91 -13.83
C ASN A 389 0.10 -23.68 -12.49
N MET A 390 -0.33 -23.07 -11.39
CA MET A 390 -0.16 -23.63 -10.07
C MET A 390 -1.46 -24.32 -9.82
N LEU A 391 -1.59 -24.99 -8.69
CA LEU A 391 -2.80 -25.76 -8.39
C LEU A 391 -3.96 -24.90 -8.00
N SER A 392 -5.15 -25.27 -8.42
CA SER A 392 -6.43 -24.62 -8.00
C SER A 392 -6.58 -24.38 -6.50
N THR A 393 -5.87 -25.15 -5.69
CA THR A 393 -5.95 -25.01 -4.22
C THR A 393 -5.02 -23.90 -3.65
N ALA A 394 -4.35 -23.12 -4.49
CA ALA A 394 -3.64 -21.93 -4.04
C ALA A 394 -4.65 -20.81 -3.71
N ASN A 395 -4.23 -19.91 -2.82
CA ASN A 395 -5.00 -18.72 -2.47
C ASN A 395 -4.87 -17.71 -3.61
N ILE A 396 -3.68 -17.55 -4.19
CA ILE A 396 -3.48 -16.61 -5.31
C ILE A 396 -3.77 -17.36 -6.61
N LYS A 397 -4.93 -17.06 -7.18
CA LYS A 397 -5.61 -17.93 -8.13
C LYS A 397 -5.94 -17.17 -9.37
N PRO A 398 -5.98 -17.84 -10.55
CA PRO A 398 -6.19 -17.11 -11.81
C PRO A 398 -7.50 -16.38 -11.83
N VAL A 399 -7.45 -15.08 -12.08
CA VAL A 399 -8.59 -14.19 -11.88
C VAL A 399 -8.59 -12.96 -12.84
N ASN A 400 -9.76 -12.40 -13.12
CA ASN A 400 -9.94 -11.19 -13.93
C ASN A 400 -10.64 -10.19 -13.04
N GLU A 401 -9.96 -9.08 -12.64
CA GLU A 401 -10.49 -8.13 -11.64
C GLU A 401 -10.74 -6.79 -12.29
N THR A 402 -11.84 -6.18 -11.86
CA THR A 402 -12.30 -4.86 -12.27
C THR A 402 -12.44 -3.99 -11.02
N ARG A 403 -11.99 -2.73 -11.13
CA ARG A 403 -12.24 -1.63 -10.15
C ARG A 403 -12.65 -0.31 -10.80
N ILE A 404 -13.78 0.23 -10.41
CA ILE A 404 -14.18 1.56 -10.86
C ILE A 404 -14.50 2.36 -9.66
N ASN A 405 -14.08 3.61 -9.61
CA ASN A 405 -14.42 4.46 -8.45
C ASN A 405 -14.70 5.92 -8.85
N ILE A 406 -15.55 6.55 -8.02
CA ILE A 406 -15.89 7.94 -8.14
C ILE A 406 -15.68 8.58 -6.78
N ASP A 407 -14.57 9.29 -6.65
CA ASP A 407 -14.19 10.04 -5.45
C ASP A 407 -14.50 11.53 -5.66
N TYR A 408 -15.20 12.17 -4.72
CA TYR A 408 -15.13 13.62 -4.62
C TYR A 408 -14.76 14.01 -3.20
N THR A 409 -14.14 15.18 -3.03
CA THR A 409 -13.76 15.70 -1.71
C THR A 409 -14.30 17.12 -1.40
N TRP A 410 -14.99 17.31 -0.28
CA TRP A 410 -15.29 18.65 0.20
C TRP A 410 -14.18 19.11 1.06
N LYS A 411 -13.99 20.42 1.09
CA LYS A 411 -13.05 21.09 1.95
C LYS A 411 -13.79 22.20 2.68
N PHE A 412 -14.22 21.90 3.89
CA PHE A 412 -14.93 22.83 4.72
C PHE A 412 -14.05 23.93 5.34
N LYS A 413 -12.74 23.68 5.45
CA LYS A 413 -11.80 24.68 5.99
C LYS A 413 -10.37 24.46 5.45
#